data_3UVF
#
_entry.id   3UVF
#
_cell.length_a   181.591
_cell.length_b   73.592
_cell.length_c   82.031
_cell.angle_alpha   90.00
_cell.angle_beta   90.00
_cell.angle_gamma   90.00
#
_symmetry.space_group_name_H-M   'P 21 21 2'
#
loop_
_entity.id
_entity.type
_entity.pdbx_description
1 polymer 'Intron-encoded DNA endonuclease I-HjeMI'
2 polymer 'synthetic oligo'
3 polymer 'synthetic oligo'
4 non-polymer 'CALCIUM ION'
5 non-polymer DI(HYDROXYETHYL)ETHER
6 non-polymer 'SULFATE ION'
7 non-polymer 'SODIUM ION'
8 water water
#
loop_
_entity_poly.entity_id
_entity_poly.type
_entity_poly.pdbx_seq_one_letter_code
_entity_poly.pdbx_strand_id
1 'polypeptide(L)'
;SHMDLTYAYLVGLFEGDGYFSITKKGKYLTYELGIELSIKDVQLIYKIKDILGVGKVSFRKRNEIEMVSLRIRDKNHLKN
FILPIFDKYPMLSNKQYDYLRFKDALLSNIIYSDDLPEYARSNESINSVDSIINTSYFSAWLVGFIEAEGCFSTYKLNKD
DDYLIASFDIAQKDGDILISAIHKYLSFTTKIYLDKTNCSRLKVTGVRSVKNVVKFIQGAPVKLLGNKKLQYKLWIKQLR
KISRYSEKIQLPSNY
;
A,B
2 'polydeoxyribonucleotide'
;(DG)(DC)(DG)(DC)(DT)(DG)(DA)(DG)(DG)(DA)(DG)(DG)(DT)(DT)(DT)(DC)(DT)(DC)(DT)(DG)
(DT)(DT)(DA)(DA)(DG)(DC)(DG)(DA)
;
C,E
3 'polydeoxyribonucleotide'
;(DC)(DG)(DC)(DT)(DT)(DA)(DA)(DC)(DA)(DG)(DA)(DG)(DA)(DA)(DA)(DC)(DC)(DT)(DC)(DC)
(DT)(DC)(DA)(DG)(DC)(DG)(DC)(DT)
;
D,F
#
# COMPACT_ATOMS: atom_id res chain seq x y z
N SER A 1 14.81 -0.92 4.90
CA SER A 1 15.99 -1.80 5.14
C SER A 1 16.51 -1.69 6.57
N HIS A 2 17.67 -2.33 6.86
CA HIS A 2 18.19 -2.53 8.24
C HIS A 2 17.61 -3.89 8.59
N MET A 3 16.49 -3.90 9.30
CA MET A 3 15.60 -5.07 9.24
C MET A 3 14.33 -4.60 8.51
N ASP A 4 14.50 -4.53 7.20
CA ASP A 4 13.46 -4.29 6.21
C ASP A 4 12.27 -5.18 6.51
N LEU A 5 11.08 -4.65 6.24
CA LEU A 5 9.83 -5.31 6.63
C LEU A 5 9.75 -6.82 6.39
N THR A 6 10.51 -7.37 5.44
CA THR A 6 10.50 -8.85 5.19
C THR A 6 10.97 -9.67 6.39
N TYR A 7 11.81 -9.04 7.21
CA TYR A 7 12.20 -9.54 8.51
C TYR A 7 11.08 -9.76 9.53
N ALA A 8 10.03 -8.95 9.46
CA ALA A 8 8.83 -9.24 10.26
C ALA A 8 8.21 -10.52 9.74
N TYR A 9 7.96 -10.60 8.44
CA TYR A 9 7.37 -11.78 7.80
C TYR A 9 7.99 -13.01 8.40
N LEU A 10 9.29 -12.97 8.57
CA LEU A 10 10.01 -14.07 9.16
C LEU A 10 9.60 -14.43 10.59
N VAL A 11 9.50 -13.43 11.46
CA VAL A 11 9.26 -13.81 12.84
C VAL A 11 7.87 -14.39 12.92
N GLY A 12 6.99 -13.90 12.05
CA GLY A 12 5.64 -14.42 11.97
C GLY A 12 5.80 -15.85 11.57
N LEU A 13 6.45 -16.08 10.44
CA LEU A 13 6.55 -17.44 9.95
C LEU A 13 7.18 -18.40 10.98
N PHE A 14 8.27 -17.98 11.64
CA PHE A 14 8.84 -18.81 12.71
C PHE A 14 7.90 -19.05 13.88
N GLU A 15 7.19 -18.01 14.30
CA GLU A 15 6.24 -18.13 15.42
C GLU A 15 5.24 -19.28 15.21
N GLY A 16 4.70 -19.33 14.01
CA GLY A 16 3.77 -20.41 13.69
C GLY A 16 4.44 -21.75 13.46
N ASP A 17 5.52 -21.81 12.70
CA ASP A 17 5.99 -23.13 12.37
C ASP A 17 7.37 -23.45 13.01
N GLY A 18 8.07 -22.42 13.47
CA GLY A 18 9.40 -22.61 14.03
C GLY A 18 9.38 -22.83 15.54
N TYR A 19 10.58 -22.88 16.12
CA TYR A 19 10.74 -23.14 17.54
C TYR A 19 12.15 -22.73 18.02
N PHE A 20 12.21 -22.17 19.23
CA PHE A 20 13.44 -21.72 19.82
C PHE A 20 13.75 -22.67 20.93
N SER A 21 14.74 -23.50 20.71
CA SER A 21 14.95 -24.59 21.65
C SER A 21 16.39 -24.66 22.15
N ILE A 22 16.53 -24.89 23.44
CA ILE A 22 17.82 -25.19 24.02
C ILE A 22 17.73 -26.61 24.49
N THR A 23 18.68 -27.45 24.10
CA THR A 23 18.53 -28.88 24.33
C THR A 23 19.77 -29.50 24.95
N LYS A 24 19.60 -30.64 25.63
CA LYS A 24 20.71 -31.29 26.32
C LYS A 24 21.67 -31.92 25.31
N LYS A 25 22.92 -32.05 25.70
CA LYS A 25 23.97 -32.62 24.86
C LYS A 25 25.06 -33.19 25.80
N GLY A 26 24.64 -34.06 26.71
CA GLY A 26 25.49 -34.51 27.82
C GLY A 26 25.78 -33.39 28.80
N LYS A 27 27.06 -33.12 29.01
CA LYS A 27 27.49 -32.03 29.86
C LYS A 27 27.04 -30.72 29.22
N TYR A 28 26.83 -30.75 27.90
CA TYR A 28 26.74 -29.51 27.12
C TYR A 28 25.31 -29.18 26.69
N LEU A 29 25.16 -28.06 25.97
CA LEU A 29 23.86 -27.51 25.59
C LEU A 29 23.90 -27.04 24.16
N THR A 30 22.85 -27.29 23.42
CA THR A 30 22.70 -26.78 22.07
C THR A 30 21.59 -25.74 22.05
N TYR A 31 21.78 -24.63 21.31
CA TYR A 31 20.69 -23.67 21.13
C TYR A 31 20.22 -23.70 19.70
N GLU A 32 19.05 -24.28 19.45
CA GLU A 32 18.46 -24.35 18.11
C GLU A 32 17.40 -23.29 17.94
N LEU A 33 17.47 -22.56 16.84
CA LEU A 33 16.25 -22.03 16.26
C LEU A 33 16.07 -22.80 14.98
N GLY A 34 15.02 -23.59 14.91
CA GLY A 34 14.74 -24.37 13.70
C GLY A 34 13.32 -24.25 13.17
N ILE A 35 13.21 -24.46 11.85
CA ILE A 35 11.93 -24.58 11.18
C ILE A 35 12.01 -25.79 10.29
N GLU A 36 10.92 -26.53 10.22
CA GLU A 36 10.96 -27.85 9.65
C GLU A 36 9.60 -28.02 9.03
N LEU A 37 9.59 -27.98 7.71
CA LEU A 37 8.37 -27.94 6.90
C LEU A 37 8.20 -29.25 6.14
N SER A 38 7.07 -29.37 5.44
CA SER A 38 6.91 -30.43 4.46
C SER A 38 7.89 -30.22 3.29
N ILE A 39 8.21 -31.30 2.57
CA ILE A 39 9.13 -31.22 1.44
C ILE A 39 8.59 -30.25 0.41
N LYS A 40 7.27 -30.09 0.40
CA LYS A 40 6.61 -29.14 -0.48
C LYS A 40 7.18 -27.71 -0.42
N ASP A 41 7.95 -27.36 0.61
CA ASP A 41 8.51 -26.02 0.71
C ASP A 41 10.02 -25.94 0.62
N VAL A 42 10.62 -26.96 0.01
CA VAL A 42 12.06 -26.98 -0.21
C VAL A 42 12.47 -25.59 -0.59
N GLN A 43 11.74 -25.05 -1.56
CA GLN A 43 12.09 -23.84 -2.28
C GLN A 43 12.16 -22.68 -1.35
N LEU A 44 11.24 -22.65 -0.39
CA LEU A 44 11.13 -21.60 0.61
C LEU A 44 12.14 -21.71 1.76
N ILE A 45 12.50 -22.91 2.21
CA ILE A 45 13.56 -22.96 3.22
C ILE A 45 14.77 -22.19 2.62
N TYR A 46 15.21 -22.56 1.41
CA TYR A 46 16.32 -21.85 0.79
C TYR A 46 16.10 -20.34 0.66
N LYS A 47 14.86 -19.91 0.38
CA LYS A 47 14.48 -18.50 0.48
C LYS A 47 14.81 -17.92 1.84
N ILE A 48 14.38 -18.58 2.91
CA ILE A 48 14.57 -18.05 4.28
C ILE A 48 16.05 -17.92 4.59
N LYS A 49 16.79 -18.99 4.29
CA LYS A 49 18.21 -19.08 4.46
C LYS A 49 18.95 -18.05 3.63
N ASP A 50 18.44 -17.76 2.42
CA ASP A 50 19.02 -16.71 1.59
C ASP A 50 18.86 -15.39 2.30
N ILE A 51 17.63 -15.12 2.75
CA ILE A 51 17.32 -13.91 3.48
C ILE A 51 18.27 -13.73 4.68
N LEU A 52 18.37 -14.78 5.49
CA LEU A 52 18.96 -14.70 6.79
C LEU A 52 20.48 -14.71 6.78
N GLY A 53 21.05 -15.40 5.80
CA GLY A 53 22.47 -15.64 5.73
C GLY A 53 23.00 -16.64 6.74
N VAL A 54 22.14 -17.49 7.31
CA VAL A 54 22.65 -18.50 8.27
C VAL A 54 21.85 -19.80 8.30
N GLY A 55 22.35 -20.80 9.02
CA GLY A 55 21.65 -22.06 9.26
C GLY A 55 22.05 -23.16 8.30
N LYS A 56 21.87 -24.41 8.74
CA LYS A 56 22.10 -25.55 7.87
C LYS A 56 20.76 -26.17 7.49
N VAL A 57 20.69 -26.68 6.26
CA VAL A 57 19.46 -27.21 5.69
C VAL A 57 19.60 -28.73 5.66
N SER A 58 18.55 -29.44 6.06
CA SER A 58 18.55 -30.90 5.96
C SER A 58 17.21 -31.47 5.57
N PHE A 59 17.30 -32.67 5.04
CA PHE A 59 16.20 -33.43 4.57
C PHE A 59 16.10 -34.69 5.40
N ARG A 60 14.90 -35.26 5.45
CA ARG A 60 14.49 -36.21 6.46
C ARG A 60 13.25 -36.83 5.90
N LYS A 61 13.13 -38.15 6.02
CA LYS A 61 11.96 -38.85 5.50
C LYS A 61 11.55 -39.90 6.49
N ARG A 62 10.45 -39.66 7.20
CA ARG A 62 10.01 -40.62 8.22
C ARG A 62 8.74 -41.36 7.81
N ASN A 63 8.94 -42.61 7.40
CA ASN A 63 7.87 -43.48 6.87
C ASN A 63 7.44 -43.06 5.48
N GLU A 64 6.27 -42.46 5.33
CA GLU A 64 5.96 -42.02 3.99
C GLU A 64 6.27 -40.56 3.77
N ILE A 65 6.78 -39.87 4.80
CA ILE A 65 6.74 -38.42 4.79
C ILE A 65 8.11 -37.74 4.61
N GLU A 66 8.20 -36.85 3.61
CA GLU A 66 9.49 -36.22 3.32
C GLU A 66 9.43 -34.87 3.95
N MET A 67 10.41 -34.52 4.78
CA MET A 67 10.45 -33.24 5.50
C MET A 67 11.78 -32.54 5.29
N VAL A 68 11.80 -31.22 5.44
CA VAL A 68 13.02 -30.40 5.37
C VAL A 68 13.14 -29.41 6.50
N SER A 69 14.38 -29.27 6.96
CA SER A 69 14.72 -28.38 8.05
C SER A 69 15.69 -27.32 7.61
N LEU A 70 15.54 -26.13 8.18
CA LEU A 70 16.62 -25.19 8.34
C LEU A 70 16.86 -25.13 9.84
N ARG A 71 18.11 -25.25 10.24
CA ARG A 71 18.46 -25.26 11.66
CA ARG A 71 18.46 -25.26 11.66
C ARG A 71 19.65 -24.35 11.90
N ILE A 72 19.48 -23.39 12.78
CA ILE A 72 20.54 -22.48 13.17
C ILE A 72 20.96 -22.78 14.60
N ARG A 73 22.23 -23.18 14.81
CA ARG A 73 22.78 -23.52 16.14
C ARG A 73 24.12 -22.87 16.48
N ASP A 74 24.88 -22.41 15.47
CA ASP A 74 26.05 -21.57 15.73
C ASP A 74 25.60 -20.39 16.61
N LYS A 75 26.18 -20.33 17.80
CA LYS A 75 25.80 -19.33 18.79
C LYS A 75 26.32 -17.94 18.46
N ASN A 76 27.30 -17.84 17.58
CA ASN A 76 27.76 -16.56 17.14
C ASN A 76 26.78 -16.03 16.11
N HIS A 77 26.16 -16.95 15.38
CA HIS A 77 25.23 -16.56 14.35
C HIS A 77 23.88 -16.21 14.98
N LEU A 78 23.54 -16.90 16.06
CA LEU A 78 22.33 -16.50 16.76
C LEU A 78 22.45 -15.09 17.33
N LYS A 79 23.59 -14.79 17.93
CA LYS A 79 23.78 -13.53 18.66
C LYS A 79 23.82 -12.35 17.71
N ASN A 80 24.56 -12.50 16.62
CA ASN A 80 24.75 -11.44 15.67
C ASN A 80 23.60 -11.18 14.72
N PHE A 81 22.90 -12.22 14.29
CA PHE A 81 21.89 -12.08 13.23
C PHE A 81 20.45 -12.38 13.63
N ILE A 82 20.21 -13.40 14.44
CA ILE A 82 18.86 -13.79 14.78
C ILE A 82 18.25 -12.95 15.91
N LEU A 83 19.02 -12.68 16.97
CA LEU A 83 18.46 -11.97 18.12
C LEU A 83 18.10 -10.52 17.83
N PRO A 84 18.81 -9.86 16.89
CA PRO A 84 18.41 -8.48 16.63
C PRO A 84 17.12 -8.48 15.81
N ILE A 85 16.75 -9.64 15.25
CA ILE A 85 15.52 -9.72 14.48
C ILE A 85 14.35 -9.79 15.44
N PHE A 86 14.43 -10.72 16.37
CA PHE A 86 13.33 -10.87 17.29
C PHE A 86 13.35 -9.86 18.38
N ASP A 87 14.48 -9.20 18.61
CA ASP A 87 14.44 -7.98 19.40
C ASP A 87 13.79 -6.87 18.57
N LYS A 88 14.27 -6.62 17.35
CA LYS A 88 13.55 -5.66 16.48
C LYS A 88 12.07 -5.96 16.30
N TYR A 89 11.72 -7.22 16.05
CA TYR A 89 10.34 -7.62 15.65
C TYR A 89 9.66 -8.65 16.55
N PRO A 90 9.33 -8.25 17.78
CA PRO A 90 9.18 -9.32 18.72
C PRO A 90 7.97 -10.09 18.34
N MET A 91 7.90 -11.31 18.85
CA MET A 91 6.78 -12.17 18.53
C MET A 91 5.53 -11.67 19.20
N LEU A 92 4.41 -12.31 18.93
CA LEU A 92 3.14 -11.78 19.41
C LEU A 92 2.34 -12.80 20.20
N SER A 93 2.44 -14.09 19.87
CA SER A 93 1.94 -15.18 20.73
C SER A 93 2.72 -15.27 22.03
N ASN A 94 2.38 -16.26 22.84
CA ASN A 94 3.10 -16.50 24.09
C ASN A 94 4.43 -17.23 23.81
N LYS A 95 4.81 -17.40 22.55
CA LYS A 95 6.11 -17.97 22.32
C LYS A 95 7.09 -16.94 22.81
N GLN A 96 6.68 -15.69 22.87
CA GLN A 96 7.65 -14.69 23.25
C GLN A 96 8.49 -15.13 24.47
N TYR A 97 7.87 -15.85 25.41
CA TYR A 97 8.55 -16.36 26.56
C TYR A 97 9.67 -17.29 26.15
N ASP A 98 9.41 -18.10 25.12
CA ASP A 98 10.41 -19.08 24.63
C ASP A 98 11.65 -18.34 24.18
N TYR A 99 11.42 -17.29 23.40
CA TYR A 99 12.50 -16.45 22.99
C TYR A 99 13.19 -15.83 24.19
N LEU A 100 12.43 -15.17 25.06
CA LEU A 100 13.02 -14.40 26.16
C LEU A 100 13.94 -15.28 26.98
N ARG A 101 13.42 -16.37 27.50
CA ARG A 101 14.21 -17.39 28.18
C ARG A 101 15.48 -17.75 27.42
N PHE A 102 15.32 -18.02 26.13
CA PHE A 102 16.39 -18.47 25.26
C PHE A 102 17.49 -17.43 25.10
N LYS A 103 17.07 -16.18 24.90
CA LYS A 103 17.97 -15.06 24.70
C LYS A 103 18.80 -14.96 25.95
N ASP A 104 18.08 -14.77 27.04
CA ASP A 104 18.62 -14.65 28.33
C ASP A 104 19.70 -15.71 28.51
N ALA A 105 19.36 -16.97 28.36
CA ALA A 105 20.32 -18.04 28.60
C ALA A 105 21.53 -17.88 27.70
N LEU A 106 21.27 -17.76 26.40
CA LEU A 106 22.34 -17.55 25.43
C LEU A 106 23.29 -16.40 25.84
N LEU A 107 22.70 -15.25 26.24
CA LEU A 107 23.52 -14.07 26.52
C LEU A 107 24.33 -14.21 27.80
N SER A 108 23.86 -15.04 28.73
CA SER A 108 24.56 -15.29 29.99
C SER A 108 25.68 -16.33 29.83
N ASN A 109 25.96 -16.69 28.57
CA ASN A 109 26.94 -17.72 28.20
C ASN A 109 26.80 -19.06 28.91
N ILE A 110 25.55 -19.46 29.14
CA ILE A 110 25.27 -20.76 29.74
C ILE A 110 25.61 -21.85 28.77
N ILE A 111 26.65 -22.58 29.14
CA ILE A 111 27.13 -23.66 28.32
C ILE A 111 26.87 -25.01 28.96
N TYR A 112 26.85 -25.07 30.29
CA TYR A 112 26.71 -26.37 30.96
C TYR A 112 25.26 -26.74 31.22
N SER A 113 24.92 -27.95 30.80
CA SER A 113 23.60 -28.48 30.99
C SER A 113 23.05 -28.28 32.41
N ASP A 114 23.87 -28.56 33.42
CA ASP A 114 23.41 -28.46 34.80
C ASP A 114 23.16 -27.02 35.30
N ASP A 115 23.83 -26.04 34.70
CA ASP A 115 23.56 -24.63 34.98
C ASP A 115 22.11 -24.22 34.63
N LEU A 116 21.61 -24.76 33.52
CA LEU A 116 20.31 -24.34 32.97
C LEU A 116 19.06 -24.45 33.84
N PRO A 117 18.43 -23.31 34.17
CA PRO A 117 17.20 -23.31 34.95
C PRO A 117 16.05 -23.99 34.24
N GLU A 118 15.18 -24.59 35.06
CA GLU A 118 13.93 -25.16 34.55
C GLU A 118 12.99 -24.06 34.09
N TYR A 119 12.49 -24.24 32.87
CA TYR A 119 11.64 -23.28 32.18
C TYR A 119 10.34 -23.94 31.75
N ALA A 120 9.32 -23.12 31.57
CA ALA A 120 8.02 -23.61 31.18
C ALA A 120 7.14 -22.40 30.91
N ARG A 121 6.56 -22.40 29.72
CA ARG A 121 5.99 -21.19 29.21
C ARG A 121 4.93 -20.65 30.16
N SER A 122 4.98 -19.35 30.44
CA SER A 122 3.88 -18.70 31.16
C SER A 122 2.57 -18.94 30.41
N ASN A 123 1.53 -19.35 31.14
CA ASN A 123 0.17 -19.52 30.55
C ASN A 123 -0.51 -18.17 30.37
N GLU A 124 -0.17 -17.25 31.27
CA GLU A 124 -0.59 -15.87 31.18
C GLU A 124 -0.28 -15.33 29.82
N SER A 125 -1.16 -14.50 29.30
CA SER A 125 -0.87 -13.83 28.07
C SER A 125 0.07 -12.70 28.39
N ILE A 126 0.85 -12.35 27.38
CA ILE A 126 1.97 -11.45 27.53
C ILE A 126 1.62 -10.13 26.86
N ASN A 127 0.38 -10.03 26.39
CA ASN A 127 -0.02 -9.07 25.38
C ASN A 127 -1.53 -8.90 25.23
N SER A 128 -1.93 -7.74 24.75
CA SER A 128 -3.32 -7.40 24.66
C SER A 128 -3.73 -7.24 23.19
N VAL A 129 -4.92 -7.77 22.86
CA VAL A 129 -5.53 -7.60 21.54
C VAL A 129 -5.15 -6.22 21.01
N ASP A 130 -5.55 -5.16 21.73
CA ASP A 130 -5.19 -3.79 21.38
C ASP A 130 -3.71 -3.55 21.05
N SER A 131 -2.79 -3.89 21.95
CA SER A 131 -1.38 -3.66 21.59
C SER A 131 -1.02 -4.37 20.29
N ILE A 132 -1.80 -5.40 19.93
CA ILE A 132 -1.48 -6.20 18.76
C ILE A 132 -1.84 -5.48 17.46
N ILE A 133 -3.11 -5.14 17.29
CA ILE A 133 -3.59 -4.40 16.09
C ILE A 133 -2.82 -3.10 15.88
N ASN A 134 -2.40 -2.49 16.99
CA ASN A 134 -1.66 -1.25 16.95
C ASN A 134 -0.17 -1.43 16.66
N THR A 135 0.26 -2.66 16.42
CA THR A 135 1.70 -3.01 16.34
C THR A 135 2.33 -2.76 14.93
N SER A 136 3.03 -1.64 14.77
CA SER A 136 3.32 -1.13 13.42
C SER A 136 3.76 -2.21 12.43
N TYR A 137 4.63 -3.11 12.86
CA TYR A 137 5.04 -4.18 11.95
C TYR A 137 3.95 -5.20 11.67
N PHE A 138 3.04 -5.37 12.61
CA PHE A 138 1.94 -6.33 12.52
C PHE A 138 1.43 -6.65 11.10
N SER A 139 1.12 -5.63 10.31
CA SER A 139 0.84 -5.80 8.87
C SER A 139 1.71 -6.89 8.25
N ALA A 140 3.03 -6.64 8.26
CA ALA A 140 4.08 -7.56 7.75
C ALA A 140 4.06 -8.92 8.41
N TRP A 141 4.15 -8.90 9.74
CA TRP A 141 4.07 -10.10 10.57
C TRP A 141 2.91 -11.02 10.24
N LEU A 142 1.76 -10.45 9.89
CA LEU A 142 0.59 -11.28 9.64
C LEU A 142 0.72 -12.04 8.33
N VAL A 143 1.39 -11.49 7.33
CA VAL A 143 1.68 -12.31 6.16
C VAL A 143 2.50 -13.53 6.58
N GLY A 144 3.57 -13.30 7.33
CA GLY A 144 4.42 -14.40 7.79
C GLY A 144 3.65 -15.49 8.49
N PHE A 145 2.81 -15.07 9.42
CA PHE A 145 2.09 -15.99 10.28
C PHE A 145 1.07 -16.77 9.48
N ILE A 146 0.56 -16.14 8.43
CA ILE A 146 -0.39 -16.81 7.55
C ILE A 146 0.36 -17.78 6.68
N GLU A 147 1.65 -17.54 6.45
CA GLU A 147 2.44 -18.51 5.68
C GLU A 147 2.44 -19.79 6.46
N ALA A 148 2.66 -19.66 7.75
CA ALA A 148 2.74 -20.82 8.59
C ALA A 148 1.40 -21.51 8.88
N GLU A 149 0.37 -20.72 9.25
CA GLU A 149 -0.80 -21.28 9.97
C GLU A 149 -2.14 -20.99 9.31
N GLY A 150 -2.13 -20.07 8.37
CA GLY A 150 -3.33 -19.78 7.61
C GLY A 150 -3.66 -20.90 6.63
N CYS A 151 -4.94 -20.97 6.25
CA CYS A 151 -5.40 -21.96 5.27
C CYS A 151 -6.54 -21.49 4.38
N PHE A 152 -6.21 -21.29 3.10
CA PHE A 152 -7.18 -20.86 2.11
C PHE A 152 -7.73 -22.08 1.39
N SER A 153 -8.86 -22.60 1.87
CA SER A 153 -9.46 -23.75 1.20
C SER A 153 -10.72 -23.32 0.49
N THR A 154 -11.04 -24.00 -0.61
CA THR A 154 -12.41 -24.07 -1.16
C THR A 154 -12.76 -25.53 -1.23
N TYR A 155 -14.05 -25.82 -1.15
CA TYR A 155 -14.55 -27.17 -0.97
C TYR A 155 -16.01 -27.10 -1.22
N LYS A 156 -16.59 -28.27 -1.43
CA LYS A 156 -17.90 -28.35 -1.96
C LYS A 156 -18.80 -28.95 -0.90
N LEU A 157 -19.81 -28.19 -0.50
CA LEU A 157 -21.08 -28.78 -0.07
C LEU A 157 -22.11 -28.64 -1.20
N ASN A 158 -23.01 -29.60 -1.43
CA ASN A 158 -23.06 -30.92 -0.82
C ASN A 158 -22.27 -31.84 -1.72
N LYS A 159 -21.71 -32.90 -1.12
CA LYS A 159 -21.06 -33.98 -1.85
C LYS A 159 -21.68 -34.13 -3.28
N ASP A 160 -23.01 -34.19 -3.33
CA ASP A 160 -23.75 -34.37 -4.56
C ASP A 160 -24.26 -33.06 -5.19
N ASP A 161 -23.40 -32.05 -5.34
CA ASP A 161 -23.84 -30.78 -5.94
C ASP A 161 -22.70 -29.94 -6.52
N ASP A 162 -23.07 -28.81 -7.12
CA ASP A 162 -22.15 -27.88 -7.75
C ASP A 162 -21.75 -26.73 -6.84
N TYR A 163 -22.42 -26.60 -5.69
CA TYR A 163 -22.30 -25.40 -4.90
C TYR A 163 -20.99 -25.37 -4.17
N LEU A 164 -20.14 -24.37 -4.41
CA LEU A 164 -18.85 -24.38 -3.74
C LEU A 164 -18.88 -23.54 -2.48
N ILE A 165 -17.84 -23.64 -1.66
CA ILE A 165 -17.67 -22.74 -0.53
C ILE A 165 -16.21 -22.34 -0.43
N ALA A 166 -15.93 -21.04 -0.28
CA ALA A 166 -14.53 -20.54 -0.30
C ALA A 166 -14.04 -19.96 1.03
N SER A 167 -13.12 -20.65 1.71
CA SER A 167 -12.81 -20.31 3.10
C SER A 167 -11.40 -19.84 3.42
N PHE A 168 -11.30 -19.17 4.56
CA PHE A 168 -10.04 -18.82 5.19
C PHE A 168 -10.13 -19.17 6.66
N ASP A 169 -9.06 -19.78 7.18
CA ASP A 169 -9.02 -20.29 8.51
C ASP A 169 -7.61 -20.12 9.11
N ILE A 170 -7.56 -19.82 10.41
CA ILE A 170 -6.27 -19.82 11.13
C ILE A 170 -6.47 -20.18 12.60
N ALA A 171 -5.43 -20.70 13.26
CA ALA A 171 -5.56 -21.25 14.61
C ALA A 171 -4.29 -21.25 15.46
N GLN A 172 -4.51 -21.20 16.77
CA GLN A 172 -3.44 -21.21 17.75
C GLN A 172 -3.76 -22.08 18.99
N LYS A 173 -2.79 -22.79 19.53
CA LYS A 173 -2.95 -23.33 20.90
C LYS A 173 -2.80 -22.16 21.86
N ASP A 174 -3.58 -22.18 22.94
CA ASP A 174 -3.55 -21.09 23.88
C ASP A 174 -3.22 -19.83 23.10
N GLY A 175 -4.11 -19.49 22.19
CA GLY A 175 -4.00 -18.28 21.42
C GLY A 175 -5.35 -17.66 21.25
N ASP A 176 -6.04 -17.44 22.36
CA ASP A 176 -7.30 -16.74 22.24
C ASP A 176 -7.04 -15.28 21.94
N ILE A 177 -6.20 -14.62 22.73
CA ILE A 177 -5.83 -13.24 22.43
C ILE A 177 -5.37 -13.09 20.95
N LEU A 178 -4.39 -13.87 20.54
CA LEU A 178 -3.81 -13.70 19.21
C LEU A 178 -4.89 -13.91 18.15
N ILE A 179 -5.67 -14.96 18.34
CA ILE A 179 -6.65 -15.27 17.35
C ILE A 179 -7.68 -14.15 17.35
N SER A 180 -8.01 -13.64 18.53
CA SER A 180 -8.97 -12.56 18.64
C SER A 180 -8.53 -11.27 17.99
N ALA A 181 -7.24 -10.98 18.03
CA ALA A 181 -6.71 -9.78 17.43
C ALA A 181 -6.81 -9.90 15.93
N ILE A 182 -6.40 -11.05 15.37
CA ILE A 182 -6.49 -11.27 13.93
C ILE A 182 -7.94 -11.11 13.50
N HIS A 183 -8.80 -11.77 14.27
CA HIS A 183 -10.21 -11.86 13.95
C HIS A 183 -10.81 -10.50 13.92
N LYS A 184 -10.22 -9.58 14.71
CA LYS A 184 -10.72 -8.23 14.88
C LYS A 184 -10.05 -7.30 13.86
N TYR A 185 -8.79 -7.57 13.56
CA TYR A 185 -8.05 -6.82 12.55
C TYR A 185 -8.71 -6.94 11.17
N LEU A 186 -9.35 -8.07 10.94
CA LEU A 186 -9.90 -8.33 9.62
C LEU A 186 -11.40 -8.10 9.59
N SER A 187 -11.92 -7.71 10.75
CA SER A 187 -13.33 -7.30 10.93
C SER A 187 -14.25 -8.45 10.69
N PHE A 188 -13.89 -9.61 11.23
CA PHE A 188 -14.82 -10.73 11.18
C PHE A 188 -15.90 -10.61 12.28
N THR A 189 -16.87 -11.51 12.20
CA THR A 189 -17.95 -11.53 13.17
C THR A 189 -18.24 -12.94 13.66
N THR A 190 -17.61 -13.93 13.04
CA THR A 190 -17.96 -15.31 13.34
C THR A 190 -17.45 -15.68 14.73
N LYS A 191 -17.93 -16.80 15.28
CA LYS A 191 -17.42 -17.30 16.55
C LYS A 191 -15.96 -17.71 16.35
N ILE A 192 -15.12 -17.46 17.35
CA ILE A 192 -13.84 -18.11 17.34
C ILE A 192 -14.13 -19.37 18.09
N TYR A 193 -13.98 -20.52 17.44
CA TYR A 193 -14.30 -21.76 18.14
C TYR A 193 -13.17 -22.19 19.08
N LEU A 194 -13.53 -22.79 20.21
CA LEU A 194 -12.57 -23.25 21.22
C LEU A 194 -12.66 -24.76 21.46
N ASP A 195 -11.62 -25.48 21.03
CA ASP A 195 -11.68 -26.94 20.94
C ASP A 195 -11.19 -27.71 22.19
N LYS A 196 -11.22 -29.04 22.12
CA LYS A 196 -10.94 -29.90 23.28
C LYS A 196 -9.49 -29.84 23.73
N THR A 197 -8.61 -29.39 22.84
CA THR A 197 -7.20 -29.23 23.17
C THR A 197 -6.81 -27.75 23.33
N ASN A 198 -7.79 -26.90 23.67
CA ASN A 198 -7.58 -25.44 23.87
C ASN A 198 -7.01 -24.72 22.66
N CYS A 199 -7.40 -25.24 21.50
CA CYS A 199 -7.13 -24.66 20.22
C CYS A 199 -8.22 -23.65 19.95
N SER A 200 -7.81 -22.46 19.59
CA SER A 200 -8.73 -21.40 19.30
C SER A 200 -8.69 -21.25 17.80
N ARG A 201 -9.85 -21.43 17.18
CA ARG A 201 -9.94 -21.69 15.76
C ARG A 201 -10.83 -20.68 15.07
N LEU A 202 -10.24 -19.92 14.16
CA LEU A 202 -10.98 -18.92 13.44
C LEU A 202 -11.27 -19.53 12.10
N LYS A 203 -12.48 -19.25 11.60
CA LYS A 203 -12.93 -19.59 10.24
C LYS A 203 -14.00 -18.64 9.71
N VAL A 204 -13.78 -18.17 8.50
CA VAL A 204 -14.76 -17.32 7.87
C VAL A 204 -15.04 -17.85 6.48
N THR A 205 -16.20 -17.50 5.96
CA THR A 205 -16.72 -18.10 4.73
C THR A 205 -17.67 -17.18 3.98
N GLY A 206 -17.98 -16.03 4.55
CA GLY A 206 -18.86 -15.10 3.87
C GLY A 206 -18.15 -14.49 2.69
N VAL A 207 -18.90 -13.72 1.92
CA VAL A 207 -18.37 -12.88 0.86
C VAL A 207 -17.61 -11.71 1.48
N ARG A 208 -18.23 -10.98 2.40
CA ARG A 208 -17.63 -9.77 3.00
C ARG A 208 -16.34 -10.04 3.77
N SER A 209 -16.27 -11.15 4.50
CA SER A 209 -14.99 -11.59 5.12
C SER A 209 -13.96 -11.87 4.05
N VAL A 210 -14.30 -12.78 3.14
CA VAL A 210 -13.39 -13.18 2.07
C VAL A 210 -12.93 -11.95 1.29
N LYS A 211 -13.88 -11.06 1.00
CA LYS A 211 -13.60 -9.80 0.31
C LYS A 211 -12.54 -9.09 1.09
N ASN A 212 -12.46 -9.41 2.36
CA ASN A 212 -11.51 -8.77 3.19
C ASN A 212 -10.18 -9.47 3.19
N VAL A 213 -10.20 -10.81 3.26
CA VAL A 213 -8.97 -11.61 3.26
C VAL A 213 -8.17 -11.22 2.04
N VAL A 214 -8.85 -11.32 0.90
CA VAL A 214 -8.31 -10.97 -0.38
C VAL A 214 -7.78 -9.57 -0.25
N LYS A 215 -8.61 -8.68 0.31
CA LYS A 215 -8.19 -7.28 0.46
C LYS A 215 -6.83 -7.19 1.15
N PHE A 216 -6.60 -8.04 2.16
CA PHE A 216 -5.44 -7.90 3.00
C PHE A 216 -4.17 -8.42 2.38
N ILE A 217 -4.22 -9.59 1.77
CA ILE A 217 -3.02 -10.09 1.13
C ILE A 217 -2.62 -9.13 0.01
N GLN A 218 -3.61 -8.47 -0.56
CA GLN A 218 -3.36 -7.61 -1.69
C GLN A 218 -2.71 -6.28 -1.28
N GLY A 219 -3.11 -5.77 -0.12
CA GLY A 219 -2.60 -4.50 0.36
C GLY A 219 -1.36 -4.65 1.21
N ALA A 220 -1.19 -5.83 1.80
CA ALA A 220 -0.08 -6.02 2.72
C ALA A 220 1.26 -5.75 2.06
N PRO A 221 2.21 -5.19 2.84
CA PRO A 221 3.50 -4.67 2.34
C PRO A 221 4.59 -5.69 2.07
N VAL A 222 4.26 -6.97 2.24
CA VAL A 222 5.11 -8.10 1.88
C VAL A 222 4.25 -9.21 1.30
N LYS A 223 4.78 -9.95 0.33
CA LYS A 223 3.99 -11.00 -0.29
C LYS A 223 4.24 -12.32 0.39
N LEU A 224 3.34 -13.28 0.22
CA LEU A 224 3.64 -14.67 0.60
C LEU A 224 4.83 -15.19 -0.21
N LEU A 225 5.49 -16.22 0.28
CA LEU A 225 6.71 -16.71 -0.38
C LEU A 225 6.62 -18.18 -0.73
N GLY A 226 6.13 -18.98 0.21
CA GLY A 226 6.13 -20.40 -0.02
C GLY A 226 4.93 -20.99 -0.74
N ASN A 227 4.79 -22.30 -0.58
CA ASN A 227 3.68 -23.06 -1.07
C ASN A 227 2.38 -22.31 -0.88
N LYS A 228 2.39 -21.40 0.08
CA LYS A 228 1.17 -20.68 0.48
C LYS A 228 0.74 -19.74 -0.63
N LYS A 229 1.71 -19.09 -1.26
CA LYS A 229 1.47 -18.19 -2.36
C LYS A 229 0.73 -19.01 -3.35
N LEU A 230 1.31 -20.11 -3.77
CA LEU A 230 0.60 -21.02 -4.68
C LEU A 230 -0.80 -21.26 -4.17
N GLN A 231 -0.92 -21.60 -2.88
CA GLN A 231 -2.23 -21.96 -2.35
C GLN A 231 -3.20 -20.78 -2.53
N TYR A 232 -2.72 -19.58 -2.23
CA TYR A 232 -3.49 -18.35 -2.35
C TYR A 232 -4.00 -18.16 -3.78
N LYS A 233 -3.09 -18.28 -4.72
CA LYS A 233 -3.34 -17.97 -6.09
C LYS A 233 -4.39 -18.88 -6.67
N LEU A 234 -4.33 -20.17 -6.32
CA LEU A 234 -5.31 -21.13 -6.84
C LEU A 234 -6.71 -20.84 -6.31
N TRP A 235 -6.77 -20.40 -5.05
CA TRP A 235 -7.97 -20.05 -4.33
C TRP A 235 -8.55 -18.83 -4.97
N ILE A 236 -7.71 -17.85 -5.31
CA ILE A 236 -8.18 -16.67 -6.05
C ILE A 236 -8.92 -17.18 -7.28
N LYS A 237 -8.17 -17.81 -8.18
CA LYS A 237 -8.76 -18.41 -9.36
C LYS A 237 -10.04 -19.08 -8.94
N GLN A 238 -10.00 -19.93 -7.93
CA GLN A 238 -11.21 -20.62 -7.50
C GLN A 238 -12.40 -19.66 -7.29
N LEU A 239 -12.17 -18.63 -6.46
CA LEU A 239 -13.13 -17.56 -6.20
C LEU A 239 -13.73 -16.91 -7.46
N ARG A 240 -13.01 -16.96 -8.57
CA ARG A 240 -13.52 -16.36 -9.79
C ARG A 240 -14.60 -17.22 -10.40
N LYS A 241 -14.73 -18.47 -9.95
CA LYS A 241 -15.75 -19.38 -10.49
C LYS A 241 -17.02 -19.34 -9.65
N ILE A 242 -16.87 -19.21 -8.33
CA ILE A 242 -18.07 -19.10 -7.48
C ILE A 242 -18.57 -17.68 -7.56
N SER A 243 -19.88 -17.57 -7.71
CA SER A 243 -20.53 -16.35 -8.15
C SER A 243 -20.62 -15.29 -7.05
N ARG A 244 -21.01 -15.70 -5.85
CA ARG A 244 -21.17 -14.69 -4.83
C ARG A 244 -19.93 -13.82 -4.68
N TYR A 245 -18.74 -14.44 -4.73
CA TYR A 245 -17.46 -13.75 -4.60
C TYR A 245 -17.10 -12.97 -5.84
N SER A 246 -17.28 -13.60 -7.01
CA SER A 246 -16.74 -13.05 -8.24
C SER A 246 -17.34 -11.68 -8.50
N GLU A 247 -18.51 -11.45 -7.89
CA GLU A 247 -19.38 -10.30 -8.18
C GLU A 247 -19.24 -9.18 -7.14
N LYS A 248 -18.46 -9.38 -6.11
CA LYS A 248 -18.23 -8.31 -5.15
C LYS A 248 -16.75 -7.96 -4.98
N ILE A 249 -15.83 -8.85 -5.35
CA ILE A 249 -14.40 -8.71 -5.00
C ILE A 249 -13.43 -8.58 -6.18
N GLN A 250 -12.76 -7.43 -6.32
CA GLN A 250 -11.67 -7.27 -7.29
C GLN A 250 -10.76 -8.47 -7.16
N LEU A 251 -10.64 -9.24 -8.24
CA LEU A 251 -9.96 -10.53 -8.18
C LEU A 251 -8.78 -10.73 -9.16
N PRO A 252 -7.75 -9.84 -9.07
CA PRO A 252 -6.50 -9.89 -9.82
C PRO A 252 -5.81 -11.24 -9.87
N SER A 253 -4.92 -11.38 -10.84
CA SER A 253 -4.13 -12.59 -10.95
C SER A 253 -2.62 -12.34 -10.97
N ASN A 254 -2.18 -11.11 -10.70
CA ASN A 254 -0.73 -10.83 -10.73
C ASN A 254 0.02 -10.93 -9.35
N TYR A 255 -0.49 -11.71 -8.40
CA TYR A 255 0.16 -11.81 -7.09
C TYR A 255 1.56 -12.41 -7.16
N SER D 1 -15.64 32.40 -24.61
CA SER D 1 -14.30 32.40 -25.27
C SER D 1 -13.35 31.35 -24.68
N HIS D 2 -13.10 31.49 -23.38
CA HIS D 2 -12.21 30.63 -22.55
C HIS D 2 -10.71 30.83 -22.66
N MET D 3 -10.23 31.54 -23.67
CA MET D 3 -8.78 31.76 -23.86
C MET D 3 -8.17 32.43 -22.63
N ASP D 4 -7.50 31.63 -21.79
CA ASP D 4 -6.88 32.10 -20.55
C ASP D 4 -6.21 30.92 -19.85
N LEU D 5 -4.91 31.04 -19.60
CA LEU D 5 -4.12 29.90 -19.16
C LEU D 5 -4.48 29.29 -17.80
N THR D 6 -5.13 30.07 -16.94
CA THR D 6 -5.70 29.54 -15.73
C THR D 6 -6.76 28.47 -16.04
N TYR D 7 -7.29 28.44 -17.27
CA TYR D 7 -8.22 27.39 -17.64
C TYR D 7 -7.52 26.05 -17.95
N ALA D 8 -6.29 26.12 -18.46
CA ALA D 8 -5.38 24.96 -18.49
C ALA D 8 -5.03 24.51 -17.07
N TYR D 9 -4.82 25.47 -16.16
CA TYR D 9 -4.61 25.20 -14.70
C TYR D 9 -5.69 24.30 -14.10
N LEU D 10 -6.94 24.61 -14.41
CA LEU D 10 -8.06 23.81 -13.96
C LEU D 10 -7.92 22.44 -14.61
N VAL D 11 -8.11 22.36 -15.93
CA VAL D 11 -7.97 21.07 -16.63
C VAL D 11 -6.80 20.23 -16.13
N GLY D 12 -5.76 20.91 -15.66
CA GLY D 12 -4.60 20.27 -15.00
C GLY D 12 -4.86 19.83 -13.56
N LEU D 13 -4.96 20.80 -12.65
CA LEU D 13 -5.54 20.58 -11.33
C LEU D 13 -6.61 19.51 -11.41
N PHE D 14 -7.63 19.81 -12.23
CA PHE D 14 -8.85 19.03 -12.42
C PHE D 14 -8.59 17.64 -12.94
N GLU D 15 -7.54 17.49 -13.75
CA GLU D 15 -6.98 16.18 -14.11
C GLU D 15 -6.49 15.40 -12.87
N GLY D 16 -5.56 16.00 -12.12
CA GLY D 16 -4.87 15.37 -10.98
C GLY D 16 -5.64 15.08 -9.67
N ASP D 17 -6.88 15.55 -9.56
CA ASP D 17 -7.75 15.25 -8.42
C ASP D 17 -9.23 15.15 -8.80
N GLY D 18 -9.56 15.65 -9.99
CA GLY D 18 -10.96 15.82 -10.43
C GLY D 18 -11.47 14.59 -11.13
N TYR D 19 -12.70 14.71 -11.68
CA TYR D 19 -13.46 13.56 -12.24
C TYR D 19 -14.70 13.78 -13.17
N PHE D 20 -14.69 13.10 -14.32
CA PHE D 20 -15.84 12.99 -15.21
C PHE D 20 -16.54 11.64 -15.04
N SER D 21 -17.89 11.64 -15.07
CA SER D 21 -18.69 10.50 -14.62
C SER D 21 -20.15 10.46 -15.10
N ILE D 22 -20.43 9.69 -16.14
CA ILE D 22 -21.78 9.19 -16.35
C ILE D 22 -22.07 8.21 -15.20
N THR D 23 -22.92 8.60 -14.25
CA THR D 23 -23.37 7.68 -13.18
C THR D 23 -24.82 7.11 -13.36
N LYS D 24 -24.98 5.78 -13.13
CA LYS D 24 -26.29 5.09 -13.28
C LYS D 24 -27.22 5.58 -12.19
N LYS D 25 -28.16 6.45 -12.55
CA LYS D 25 -29.15 6.88 -11.60
C LYS D 25 -30.55 6.49 -12.11
N GLY D 26 -30.96 5.29 -11.73
CA GLY D 26 -32.19 4.68 -12.22
C GLY D 26 -32.18 4.71 -13.72
N LYS D 27 -33.36 5.02 -14.29
CA LYS D 27 -33.60 5.14 -15.73
C LYS D 27 -32.64 6.10 -16.42
N TYR D 28 -31.94 6.89 -15.63
CA TYR D 28 -31.25 8.03 -16.16
C TYR D 28 -29.77 8.01 -15.79
N LEU D 29 -29.04 8.98 -16.34
CA LEU D 29 -27.61 9.10 -16.18
C LEU D 29 -27.28 10.52 -15.81
N THR D 30 -26.64 10.68 -14.65
CA THR D 30 -26.10 11.98 -14.27
C THR D 30 -24.76 12.20 -15.00
N TYR D 31 -24.68 13.34 -15.69
CA TYR D 31 -23.45 13.77 -16.34
C TYR D 31 -22.67 14.71 -15.45
N GLU D 32 -21.74 14.07 -14.73
CA GLU D 32 -21.03 14.62 -13.54
C GLU D 32 -19.60 15.10 -13.84
N LEU D 33 -19.17 16.04 -13.01
CA LEU D 33 -17.93 16.74 -13.18
C LEU D 33 -17.59 17.49 -11.91
N GLY D 34 -16.35 17.38 -11.45
CA GLY D 34 -15.86 18.22 -10.33
C GLY D 34 -14.61 17.74 -9.62
N ILE D 35 -14.44 18.18 -8.38
CA ILE D 35 -13.37 17.68 -7.48
C ILE D 35 -13.98 17.46 -6.08
N GLU D 36 -13.76 16.28 -5.47
CA GLU D 36 -13.92 16.15 -4.01
C GLU D 36 -12.52 16.34 -3.45
N LEU D 37 -12.42 17.24 -2.48
CA LEU D 37 -11.16 17.86 -2.05
C LEU D 37 -11.16 17.94 -0.54
N SER D 38 -9.98 18.10 0.05
CA SER D 38 -9.88 18.21 1.51
C SER D 38 -10.14 19.62 2.04
N ILE D 39 -11.06 19.73 3.01
CA ILE D 39 -11.46 21.01 3.62
C ILE D 39 -10.37 22.10 3.58
N LYS D 40 -9.12 21.72 3.92
CA LYS D 40 -7.97 22.61 3.81
C LYS D 40 -7.95 23.41 2.49
N ASP D 41 -8.82 22.99 1.56
CA ASP D 41 -9.03 23.61 0.25
C ASP D 41 -10.46 24.15 0.07
N VAL D 42 -10.99 24.84 1.09
CA VAL D 42 -12.29 25.53 0.95
C VAL D 42 -12.12 26.71 -0.02
N GLN D 43 -11.12 27.55 0.25
CA GLN D 43 -10.67 28.61 -0.66
C GLN D 43 -10.59 28.13 -2.10
N LEU D 44 -9.90 27.00 -2.32
CA LEU D 44 -9.78 26.41 -3.66
C LEU D 44 -11.15 26.21 -4.33
N ILE D 45 -11.88 25.15 -3.99
CA ILE D 45 -13.24 24.85 -4.56
C ILE D 45 -14.05 26.11 -4.97
N TYR D 46 -14.12 27.10 -4.06
CA TYR D 46 -14.85 28.37 -4.28
C TYR D 46 -14.18 29.27 -5.34
N LYS D 47 -12.84 29.33 -5.31
CA LYS D 47 -12.04 30.05 -6.31
C LYS D 47 -12.13 29.39 -7.67
N ILE D 48 -12.32 28.07 -7.68
CA ILE D 48 -12.53 27.30 -8.92
C ILE D 48 -13.89 27.67 -9.51
N LYS D 49 -14.90 27.71 -8.66
CA LYS D 49 -16.28 27.97 -9.06
C LYS D 49 -16.55 29.43 -9.41
N ASP D 50 -15.84 30.32 -8.74
CA ASP D 50 -15.86 31.73 -9.10
C ASP D 50 -15.54 31.85 -10.59
N ILE D 51 -14.34 31.36 -10.94
CA ILE D 51 -13.73 31.45 -12.29
C ILE D 51 -14.52 30.69 -13.38
N LEU D 52 -15.04 29.50 -13.04
CA LEU D 52 -15.85 28.67 -13.96
C LEU D 52 -17.30 29.17 -14.07
N GLY D 53 -17.74 29.95 -13.07
CA GLY D 53 -19.05 30.58 -13.10
C GLY D 53 -20.14 29.73 -12.49
N VAL D 54 -19.94 28.42 -12.42
CA VAL D 54 -20.95 27.49 -11.88
C VAL D 54 -20.44 26.23 -11.19
N GLY D 55 -21.41 25.46 -10.68
CA GLY D 55 -21.15 24.29 -9.87
C GLY D 55 -22.03 24.25 -8.65
N LYS D 56 -21.66 23.41 -7.66
CA LYS D 56 -22.50 23.05 -6.50
C LYS D 56 -21.70 22.43 -5.34
N VAL D 57 -21.60 23.15 -4.23
CA VAL D 57 -20.71 22.76 -3.15
C VAL D 57 -21.42 22.03 -2.02
N SER D 58 -20.99 20.81 -1.75
CA SER D 58 -21.39 20.12 -0.53
C SER D 58 -20.15 19.98 0.34
N PHE D 59 -20.38 19.77 1.64
CA PHE D 59 -19.30 19.52 2.62
C PHE D 59 -19.45 18.11 3.16
N ARG D 60 -18.33 17.47 3.52
CA ARG D 60 -18.39 16.09 3.98
C ARG D 60 -17.64 15.74 5.26
N LYS D 61 -18.09 14.63 5.82
CA LYS D 61 -17.79 14.17 7.16
C LYS D 61 -17.96 12.64 7.18
N ARG D 62 -16.84 11.92 7.11
CA ARG D 62 -16.85 10.47 7.27
C ARG D 62 -15.65 10.05 8.12
N ASN D 63 -15.99 9.42 9.24
CA ASN D 63 -15.05 9.20 10.35
C ASN D 63 -14.65 10.59 10.88
N GLU D 64 -13.45 11.04 10.55
CA GLU D 64 -12.92 12.23 11.14
C GLU D 64 -12.18 13.07 10.09
N ILE D 65 -12.79 13.17 8.92
CA ILE D 65 -12.22 13.97 7.84
C ILE D 65 -13.30 14.87 7.18
N GLU D 66 -13.08 16.18 7.24
CA GLU D 66 -13.98 17.17 6.66
C GLU D 66 -13.67 17.31 5.16
N MET D 67 -14.69 17.10 4.33
CA MET D 67 -14.45 17.05 2.87
C MET D 67 -15.33 18.00 2.07
N VAL D 68 -14.85 18.37 0.91
CA VAL D 68 -15.54 19.37 0.12
C VAL D 68 -15.43 18.99 -1.35
N SER D 69 -16.39 19.43 -2.14
CA SER D 69 -16.50 19.06 -3.53
C SER D 69 -17.24 20.15 -4.31
N LEU D 70 -16.80 20.39 -5.55
CA LEU D 70 -17.56 21.18 -6.55
C LEU D 70 -18.04 20.20 -7.60
N ARG D 71 -19.35 20.14 -7.75
CA ARG D 71 -19.95 19.22 -8.70
C ARG D 71 -20.68 19.99 -9.80
N ILE D 72 -20.66 19.46 -11.00
CA ILE D 72 -21.22 20.17 -12.12
C ILE D 72 -21.92 19.13 -12.93
N ARG D 73 -23.21 19.36 -13.17
CA ARG D 73 -24.15 18.31 -13.55
C ARG D 73 -25.31 18.77 -14.49
N ASP D 74 -25.45 20.08 -14.73
CA ASP D 74 -26.42 20.66 -15.71
C ASP D 74 -26.07 20.30 -17.12
N LYS D 75 -26.84 19.37 -17.66
CA LYS D 75 -26.91 19.16 -19.10
C LYS D 75 -26.28 20.37 -19.84
N ASN D 76 -26.82 21.58 -19.61
CA ASN D 76 -26.45 22.77 -20.38
C ASN D 76 -25.07 23.40 -20.07
N HIS D 77 -24.79 23.70 -18.79
CA HIS D 77 -23.56 24.44 -18.40
C HIS D 77 -22.29 23.69 -18.82
N LEU D 78 -22.39 22.38 -18.94
CA LEU D 78 -21.27 21.59 -19.44
C LEU D 78 -21.05 22.08 -20.87
N LYS D 79 -21.88 21.58 -21.78
CA LYS D 79 -21.85 21.99 -23.18
C LYS D 79 -21.42 23.45 -23.33
N ASN D 80 -22.27 24.37 -22.85
CA ASN D 80 -22.09 25.81 -23.05
C ASN D 80 -20.82 26.46 -22.46
N PHE D 81 -20.14 25.78 -21.52
CA PHE D 81 -18.96 26.36 -20.83
C PHE D 81 -17.75 25.43 -20.62
N ILE D 82 -17.91 24.40 -19.77
CA ILE D 82 -16.86 23.41 -19.46
C ILE D 82 -16.41 22.58 -20.66
N LEU D 83 -17.32 21.88 -21.32
CA LEU D 83 -16.95 21.08 -22.48
C LEU D 83 -16.04 21.74 -23.55
N PRO D 84 -16.03 23.08 -23.65
CA PRO D 84 -14.94 23.67 -24.47
C PRO D 84 -13.54 24.01 -23.85
N ILE D 85 -13.34 24.04 -22.52
CA ILE D 85 -11.95 24.17 -21.97
C ILE D 85 -11.16 22.88 -22.07
N PHE D 86 -11.81 21.77 -21.75
CA PHE D 86 -11.26 20.45 -21.97
C PHE D 86 -11.17 20.15 -23.48
N ASP D 87 -11.84 20.98 -24.27
CA ASP D 87 -11.83 20.95 -25.74
C ASP D 87 -10.75 21.81 -26.40
N LYS D 88 -10.18 22.76 -25.65
CA LYS D 88 -9.18 23.73 -26.14
C LYS D 88 -7.75 23.45 -25.59
N TYR D 89 -7.66 23.32 -24.27
CA TYR D 89 -6.47 22.79 -23.65
C TYR D 89 -6.86 21.36 -23.25
N PRO D 90 -6.59 20.39 -24.15
CA PRO D 90 -6.99 19.01 -23.83
C PRO D 90 -6.11 18.38 -22.75
N MET D 91 -6.70 17.47 -21.98
CA MET D 91 -6.01 16.83 -20.86
C MET D 91 -4.82 16.07 -21.42
N LEU D 92 -3.65 16.62 -21.15
CA LEU D 92 -2.42 16.10 -21.69
C LEU D 92 -2.30 14.58 -21.62
N SER D 93 -2.89 13.98 -20.59
CA SER D 93 -2.59 12.59 -20.19
C SER D 93 -3.63 11.55 -20.70
N ASN D 94 -3.74 10.43 -20.00
CA ASN D 94 -4.70 9.39 -20.34
C ASN D 94 -6.11 9.66 -19.82
N LYS D 95 -6.25 10.27 -18.64
CA LYS D 95 -7.58 10.49 -18.07
C LYS D 95 -8.41 11.34 -19.02
N GLN D 96 -7.79 11.65 -20.16
CA GLN D 96 -8.43 12.26 -21.34
C GLN D 96 -9.43 11.31 -22.06
N TYR D 97 -9.04 10.03 -22.26
CA TYR D 97 -9.95 8.97 -22.75
C TYR D 97 -11.31 8.99 -21.98
N ASP D 98 -11.25 9.35 -20.69
CA ASP D 98 -12.44 9.58 -19.91
C ASP D 98 -13.18 10.73 -20.49
N TYR D 99 -12.45 11.79 -20.82
CA TYR D 99 -13.07 12.99 -21.33
C TYR D 99 -13.74 12.65 -22.66
N LEU D 100 -13.06 11.87 -23.50
CA LEU D 100 -13.60 11.44 -24.79
C LEU D 100 -15.01 10.82 -24.69
N ARG D 101 -15.18 9.87 -23.78
CA ARG D 101 -16.49 9.20 -23.61
C ARG D 101 -17.58 10.09 -23.02
N PHE D 102 -17.26 10.79 -21.93
CA PHE D 102 -18.17 11.76 -21.31
C PHE D 102 -18.51 12.84 -22.35
N LYS D 103 -17.48 13.32 -23.05
CA LYS D 103 -17.68 14.32 -24.11
C LYS D 103 -18.45 13.83 -25.36
N ASP D 104 -18.76 12.53 -25.46
CA ASP D 104 -19.39 11.96 -26.65
C ASP D 104 -20.86 11.63 -26.43
N ALA D 105 -21.11 10.91 -25.33
CA ALA D 105 -22.47 10.55 -24.87
C ALA D 105 -23.33 11.77 -24.60
N LEU D 106 -22.78 12.72 -23.82
CA LEU D 106 -23.45 13.98 -23.54
C LEU D 106 -23.80 14.68 -24.86
N LEU D 107 -22.81 14.82 -25.75
CA LEU D 107 -23.01 15.57 -27.01
C LEU D 107 -24.19 15.09 -27.87
N SER D 108 -24.38 13.78 -27.89
CA SER D 108 -25.50 13.14 -28.57
C SER D 108 -26.75 13.04 -27.68
N ASN D 109 -26.57 13.20 -26.36
CA ASN D 109 -27.67 13.26 -25.36
C ASN D 109 -28.12 11.92 -24.75
N ILE D 110 -27.18 11.10 -24.28
CA ILE D 110 -27.54 9.80 -23.70
C ILE D 110 -28.25 9.97 -22.35
N ILE D 111 -29.54 9.63 -22.31
CA ILE D 111 -30.40 9.98 -21.20
C ILE D 111 -30.86 8.74 -20.43
N TYR D 112 -30.92 7.60 -21.09
CA TYR D 112 -31.32 6.35 -20.44
C TYR D 112 -30.10 5.51 -20.02
N SER D 113 -30.21 4.89 -18.84
CA SER D 113 -29.18 3.98 -18.35
C SER D 113 -29.06 2.74 -19.23
N ASP D 114 -30.08 1.89 -19.24
CA ASP D 114 -30.13 0.68 -20.09
C ASP D 114 -29.38 0.88 -21.41
N ASP D 115 -29.54 2.08 -21.96
CA ASP D 115 -28.95 2.50 -23.21
C ASP D 115 -27.45 2.93 -23.11
N LEU D 116 -26.63 2.19 -22.34
CA LEU D 116 -25.23 2.61 -22.06
C LEU D 116 -24.15 1.50 -22.08
N PRO D 117 -23.11 1.70 -22.93
CA PRO D 117 -21.83 1.00 -23.17
C PRO D 117 -20.86 0.68 -21.99
N GLU D 118 -19.90 -0.21 -22.26
CA GLU D 118 -18.79 -0.47 -21.33
C GLU D 118 -17.55 0.41 -21.61
N TYR D 119 -17.07 1.12 -20.59
CA TYR D 119 -15.81 1.84 -20.66
C TYR D 119 -14.89 1.47 -19.52
N ALA D 120 -13.75 0.89 -19.89
CA ALA D 120 -12.77 0.39 -18.94
C ALA D 120 -11.36 0.92 -19.29
N ARG D 121 -11.30 2.25 -19.51
CA ARG D 121 -10.07 2.99 -19.86
C ARG D 121 -8.94 2.04 -20.24
N SER D 122 -8.65 1.93 -21.52
CA SER D 122 -7.63 1.01 -21.95
C SER D 122 -6.22 1.49 -21.57
N ASN D 123 -5.29 0.53 -21.51
CA ASN D 123 -3.93 0.72 -20.95
C ASN D 123 -3.05 1.68 -21.78
N GLU D 124 -3.21 1.58 -23.10
CA GLU D 124 -2.48 2.38 -24.09
C GLU D 124 -2.35 3.85 -23.70
N SER D 125 -1.11 4.35 -23.70
CA SER D 125 -0.88 5.77 -23.48
C SER D 125 -1.26 6.53 -24.76
N ILE D 126 -2.16 7.50 -24.63
CA ILE D 126 -2.72 8.24 -25.75
C ILE D 126 -1.69 9.19 -26.28
N ASN D 127 -0.78 9.62 -25.41
CA ASN D 127 0.16 10.63 -25.80
C ASN D 127 1.62 10.24 -25.69
N SER D 128 2.45 11.05 -26.35
CA SER D 128 3.89 10.90 -26.36
C SER D 128 4.58 11.97 -25.55
N VAL D 129 5.68 11.58 -24.92
CA VAL D 129 6.68 12.49 -24.36
C VAL D 129 6.85 13.79 -25.18
N ASP D 130 7.19 13.62 -26.46
CA ASP D 130 7.35 14.74 -27.40
C ASP D 130 6.26 15.83 -27.28
N SER D 131 5.01 15.49 -27.63
CA SER D 131 3.90 16.46 -27.73
C SER D 131 3.54 17.16 -26.43
N ILE D 132 3.76 16.46 -25.30
CA ILE D 132 3.49 16.98 -23.95
C ILE D 132 4.36 18.19 -23.65
N ILE D 133 5.66 18.06 -23.88
CA ILE D 133 6.59 19.16 -23.65
C ILE D 133 6.39 20.26 -24.70
N ASN D 134 6.20 19.84 -25.95
CA ASN D 134 5.90 20.75 -27.07
C ASN D 134 4.43 21.23 -27.14
N THR D 135 3.66 20.97 -26.09
CA THR D 135 2.33 21.57 -25.94
C THR D 135 2.45 22.99 -25.36
N SER D 136 1.92 23.97 -26.08
CA SER D 136 1.89 25.37 -25.63
C SER D 136 1.38 25.51 -24.18
N TYR D 137 0.04 25.44 -23.97
CA TYR D 137 -0.60 25.69 -22.67
C TYR D 137 0.01 24.90 -21.52
N PHE D 138 0.71 23.83 -21.86
CA PHE D 138 1.58 23.05 -20.95
C PHE D 138 2.16 23.76 -19.70
N SER D 139 2.93 24.83 -19.91
CA SER D 139 3.52 25.61 -18.81
C SER D 139 2.48 26.01 -17.79
N ALA D 140 1.22 26.07 -18.23
CA ALA D 140 0.10 26.44 -17.37
C ALA D 140 -0.57 25.21 -16.73
N TRP D 141 -0.77 24.16 -17.53
CA TRP D 141 -1.43 22.95 -17.10
C TRP D 141 -0.70 22.26 -15.96
N LEU D 142 0.62 22.15 -16.08
CA LEU D 142 1.44 21.42 -15.11
C LEU D 142 1.36 22.05 -13.74
N VAL D 143 1.27 23.38 -13.71
CA VAL D 143 1.15 24.11 -12.47
C VAL D 143 -0.12 23.65 -11.79
N GLY D 144 -1.20 23.55 -12.57
CA GLY D 144 -2.47 23.06 -12.07
C GLY D 144 -2.37 21.63 -11.62
N PHE D 145 -1.54 20.85 -12.30
CA PHE D 145 -1.39 19.44 -12.03
C PHE D 145 -0.42 19.26 -10.85
N ILE D 146 0.44 20.26 -10.68
CA ILE D 146 1.25 20.40 -9.50
C ILE D 146 0.35 20.62 -8.28
N GLU D 147 -0.63 21.54 -8.44
CA GLU D 147 -1.56 21.96 -7.38
C GLU D 147 -2.29 20.80 -6.67
N ALA D 148 -2.42 19.68 -7.39
CA ALA D 148 -3.00 18.43 -6.90
C ALA D 148 -1.99 17.28 -6.57
N GLU D 149 -1.12 16.91 -7.54
CA GLU D 149 -0.28 15.69 -7.48
C GLU D 149 1.17 15.97 -7.06
N GLY D 150 1.66 17.16 -7.39
CA GLY D 150 2.93 17.63 -6.88
C GLY D 150 2.82 17.76 -5.37
N CYS D 151 3.97 18.00 -4.74
CA CYS D 151 4.17 17.91 -3.28
C CYS D 151 5.46 18.65 -2.85
N PHE D 152 5.38 19.45 -1.79
CA PHE D 152 6.57 20.15 -1.34
C PHE D 152 6.97 19.80 0.10
N SER D 153 8.08 19.08 0.22
CA SER D 153 8.48 18.48 1.47
C SER D 153 9.83 19.00 2.00
N THR D 154 9.86 19.22 3.31
CA THR D 154 11.11 19.37 4.06
C THR D 154 11.00 18.50 5.30
N TYR D 155 11.98 17.61 5.48
CA TYR D 155 12.04 16.68 6.61
C TYR D 155 13.49 16.49 7.07
N LYS D 156 13.75 15.42 7.81
CA LYS D 156 15.01 15.30 8.52
C LYS D 156 15.66 13.94 8.30
N LEU D 157 16.91 13.95 7.86
CA LEU D 157 17.74 12.76 7.77
C LEU D 157 18.01 12.21 9.21
N ASN D 158 18.34 10.92 9.29
CA ASN D 158 19.07 10.33 10.45
C ASN D 158 18.52 10.43 11.87
N LYS D 159 17.35 11.05 12.07
CA LYS D 159 16.71 11.17 13.42
C LYS D 159 17.31 12.22 14.38
N ASP D 160 18.58 12.05 14.73
CA ASP D 160 19.24 12.82 15.79
C ASP D 160 20.17 13.91 15.25
N ASP D 161 19.85 14.42 14.06
CA ASP D 161 20.71 15.38 13.41
C ASP D 161 19.96 16.52 12.73
N ASP D 162 20.33 17.74 13.11
CA ASP D 162 19.80 18.99 12.55
C ASP D 162 19.67 19.04 11.02
N TYR D 163 20.62 18.42 10.32
CA TYR D 163 20.71 18.46 8.85
C TYR D 163 19.43 17.96 8.20
N LEU D 164 18.76 18.87 7.48
CA LEU D 164 17.49 18.58 6.83
C LEU D 164 17.65 18.13 5.37
N ILE D 165 16.52 17.84 4.73
CA ILE D 165 16.43 17.48 3.32
C ILE D 165 15.19 18.12 2.69
N ALA D 166 15.27 18.48 1.41
CA ALA D 166 14.19 19.18 0.70
C ALA D 166 13.92 18.59 -0.67
N SER D 167 12.79 17.91 -0.80
CA SER D 167 12.47 17.29 -2.10
C SER D 167 11.12 17.68 -2.63
N PHE D 168 11.05 17.62 -3.95
CA PHE D 168 9.82 17.74 -4.66
C PHE D 168 9.57 16.38 -5.24
N ASP D 169 8.34 15.91 -5.11
CA ASP D 169 7.94 14.69 -5.80
C ASP D 169 6.49 14.69 -6.33
N ILE D 170 6.28 13.98 -7.44
CA ILE D 170 5.07 14.02 -8.23
C ILE D 170 4.75 12.61 -8.77
N ALA D 171 3.46 12.34 -9.00
CA ALA D 171 2.98 10.97 -9.29
C ALA D 171 1.69 10.92 -10.09
N GLN D 172 1.50 9.82 -10.83
CA GLN D 172 0.18 9.52 -11.40
C GLN D 172 0.11 8.07 -11.88
N LYS D 173 -0.82 7.35 -11.28
CA LYS D 173 -1.13 5.96 -11.57
C LYS D 173 -1.15 5.73 -13.08
N ASP D 174 -0.52 4.65 -13.53
CA ASP D 174 -0.28 4.39 -14.96
C ASP D 174 0.54 5.51 -15.67
N GLY D 175 0.85 6.58 -14.93
CA GLY D 175 1.41 7.81 -15.47
C GLY D 175 2.89 7.77 -15.78
N ASP D 176 3.28 6.77 -16.58
CA ASP D 176 4.63 6.64 -17.08
C ASP D 176 4.99 7.85 -17.96
N ILE D 177 4.47 7.89 -19.18
CA ILE D 177 4.79 8.93 -20.16
C ILE D 177 4.66 10.35 -19.62
N LEU D 178 3.58 10.63 -18.91
CA LEU D 178 3.36 11.95 -18.35
C LEU D 178 4.41 12.32 -17.29
N ILE D 179 4.47 11.53 -16.20
CA ILE D 179 5.42 11.74 -15.10
C ILE D 179 6.89 11.68 -15.58
N SER D 180 7.10 10.93 -16.64
CA SER D 180 8.37 10.91 -17.34
C SER D 180 8.57 12.15 -18.24
N ALA D 181 7.47 12.74 -18.72
CA ALA D 181 7.52 13.96 -19.52
C ALA D 181 7.94 15.16 -18.64
N ILE D 182 7.17 15.43 -17.58
CA ILE D 182 7.51 16.42 -16.54
C ILE D 182 8.96 16.36 -16.10
N HIS D 183 9.43 15.13 -15.86
CA HIS D 183 10.83 14.78 -15.52
C HIS D 183 11.87 15.28 -16.55
N LYS D 184 11.56 15.14 -17.83
CA LYS D 184 12.42 15.64 -18.93
C LYS D 184 12.31 17.16 -19.09
N TYR D 185 11.09 17.67 -18.94
CA TYR D 185 10.77 19.10 -19.00
C TYR D 185 11.54 19.90 -17.93
N LEU D 186 11.69 19.29 -16.76
CA LEU D 186 12.29 19.97 -15.62
C LEU D 186 13.73 19.58 -15.38
N SER D 187 14.33 18.86 -16.35
CA SER D 187 15.77 18.55 -16.38
C SER D 187 16.23 17.62 -15.23
N PHE D 188 15.30 16.82 -14.72
CA PHE D 188 15.61 15.85 -13.69
C PHE D 188 16.30 14.65 -14.34
N THR D 189 17.15 13.97 -13.58
CA THR D 189 17.86 12.77 -14.06
C THR D 189 17.57 11.49 -13.25
N THR D 190 17.36 11.66 -11.94
CA THR D 190 17.04 10.54 -11.02
C THR D 190 15.99 9.57 -11.58
N LYS D 191 16.21 8.28 -11.38
CA LYS D 191 15.30 7.21 -11.84
C LYS D 191 13.90 7.49 -11.41
N ILE D 192 12.95 7.22 -12.29
CA ILE D 192 11.53 7.28 -11.94
C ILE D 192 11.04 5.92 -11.40
N TYR D 193 10.71 5.92 -10.12
CA TYR D 193 10.30 4.73 -9.40
C TYR D 193 8.95 4.22 -9.93
N LEU D 194 8.91 2.94 -10.26
CA LEU D 194 7.68 2.27 -10.70
C LEU D 194 7.28 1.25 -9.63
N ASP D 195 6.16 1.49 -8.94
CA ASP D 195 5.84 0.68 -7.74
C ASP D 195 4.95 -0.54 -7.98
N LYS D 196 4.71 -1.29 -6.90
CA LYS D 196 3.85 -2.48 -6.92
C LYS D 196 2.50 -2.24 -7.60
N THR D 197 1.75 -1.25 -7.14
CA THR D 197 0.42 -1.00 -7.68
C THR D 197 0.49 -0.40 -9.10
N ASN D 198 1.71 -0.35 -9.64
CA ASN D 198 2.04 0.33 -10.91
C ASN D 198 1.74 1.83 -10.93
N CYS D 199 2.23 2.51 -9.91
CA CYS D 199 2.12 3.95 -9.83
C CYS D 199 3.52 4.55 -9.98
N SER D 200 3.73 5.35 -11.02
CA SER D 200 5.00 6.07 -11.26
C SER D 200 5.23 7.18 -10.22
N ARG D 201 6.45 7.30 -9.68
CA ARG D 201 6.70 8.24 -8.58
C ARG D 201 8.00 9.05 -8.62
N LEU D 202 8.07 10.03 -9.50
CA LEU D 202 9.25 10.91 -9.61
C LEU D 202 9.59 11.57 -8.27
N LYS D 203 10.87 11.53 -7.89
CA LYS D 203 11.35 12.20 -6.69
C LYS D 203 12.68 12.91 -6.95
N VAL D 204 12.76 14.19 -6.60
CA VAL D 204 14.01 14.97 -6.71
C VAL D 204 14.35 15.78 -5.44
N THR D 205 15.26 15.19 -4.68
CA THR D 205 15.93 15.86 -3.61
C THR D 205 17.21 16.31 -4.30
N GLY D 206 17.94 17.27 -3.74
CA GLY D 206 19.18 17.70 -4.38
C GLY D 206 19.04 19.05 -5.02
N VAL D 207 20.16 19.77 -5.07
CA VAL D 207 20.13 21.22 -5.24
C VAL D 207 19.76 21.70 -6.64
N ARG D 208 20.43 21.18 -7.67
CA ARG D 208 20.12 21.53 -9.06
C ARG D 208 18.64 21.33 -9.45
N SER D 209 18.13 20.13 -9.14
CA SER D 209 16.76 19.73 -9.47
C SER D 209 15.69 20.35 -8.59
N VAL D 210 16.08 20.96 -7.46
CA VAL D 210 15.19 21.79 -6.63
C VAL D 210 15.25 23.26 -7.07
N LYS D 211 16.43 23.69 -7.51
CA LYS D 211 16.64 24.98 -8.15
C LYS D 211 15.74 25.07 -9.36
N ASN D 212 15.53 23.94 -10.02
CA ASN D 212 14.62 23.86 -11.13
C ASN D 212 13.16 23.94 -10.72
N VAL D 213 12.81 23.30 -9.60
CA VAL D 213 11.43 23.26 -9.14
C VAL D 213 11.08 24.64 -8.62
N VAL D 214 12.10 25.35 -8.17
CA VAL D 214 11.97 26.77 -7.83
C VAL D 214 11.83 27.60 -9.11
N LYS D 215 12.60 27.25 -10.13
CA LYS D 215 12.64 28.02 -11.38
C LYS D 215 11.31 27.98 -12.12
N PHE D 216 10.80 26.76 -12.35
CA PHE D 216 9.50 26.59 -13.01
C PHE D 216 8.43 27.38 -12.27
N ILE D 217 8.20 27.02 -11.01
CA ILE D 217 7.12 27.61 -10.21
C ILE D 217 7.12 29.14 -10.22
N GLN D 218 8.32 29.71 -10.21
CA GLN D 218 8.48 31.16 -10.17
C GLN D 218 8.06 31.84 -11.48
N GLY D 219 8.64 31.39 -12.58
CA GLY D 219 8.47 32.05 -13.88
C GLY D 219 7.43 31.46 -14.81
N ALA D 220 6.54 30.63 -14.27
CA ALA D 220 5.42 30.04 -15.02
C ALA D 220 4.30 31.09 -15.17
N PRO D 221 3.38 30.89 -16.12
CA PRO D 221 2.53 32.03 -16.51
C PRO D 221 1.30 32.25 -15.61
N VAL D 222 1.04 31.31 -14.70
CA VAL D 222 0.00 31.40 -13.68
C VAL D 222 0.67 31.04 -12.36
N LYS D 223 -0.08 31.09 -11.27
CA LYS D 223 0.41 30.71 -9.93
C LYS D 223 -0.50 29.64 -9.30
N LEU D 224 -0.08 29.07 -8.17
CA LEU D 224 -0.87 28.01 -7.52
C LEU D 224 -1.92 28.63 -6.61
N LEU D 225 -3.19 28.28 -6.83
CA LEU D 225 -4.31 28.87 -6.08
C LEU D 225 -4.49 28.25 -4.68
N GLY D 226 -4.36 29.07 -3.64
CA GLY D 226 -4.64 28.60 -2.31
C GLY D 226 -3.60 27.79 -1.52
N ASN D 227 -3.60 26.46 -1.70
CA ASN D 227 -2.99 25.59 -0.67
C ASN D 227 -1.61 24.97 -0.94
N LYS D 228 -1.38 24.51 -2.17
CA LYS D 228 -0.01 24.24 -2.59
C LYS D 228 0.74 25.60 -2.62
N LYS D 229 0.03 26.69 -2.93
CA LYS D 229 0.60 28.04 -2.89
C LYS D 229 1.21 28.32 -1.51
N LEU D 230 0.54 27.80 -0.47
CA LEU D 230 1.01 27.92 0.91
C LEU D 230 2.11 26.92 1.21
N GLN D 231 1.96 25.70 0.70
CA GLN D 231 2.96 24.67 0.95
C GLN D 231 4.27 25.09 0.26
N TYR D 232 4.13 25.67 -0.94
CA TYR D 232 5.25 26.10 -1.74
C TYR D 232 6.06 27.18 -1.04
N LYS D 233 5.36 28.22 -0.58
CA LYS D 233 5.98 29.35 0.09
C LYS D 233 6.56 29.02 1.48
N LEU D 234 5.97 28.04 2.18
CA LEU D 234 6.51 27.53 3.45
C LEU D 234 7.78 26.69 3.23
N TRP D 235 7.78 25.91 2.17
CA TRP D 235 8.96 25.25 1.61
C TRP D 235 9.98 26.33 1.25
N ILE D 236 9.53 27.33 0.49
CA ILE D 236 10.40 28.44 0.06
C ILE D 236 11.04 29.18 1.24
N LYS D 237 10.25 29.40 2.30
CA LYS D 237 10.76 30.06 3.50
C LYS D 237 11.68 29.13 4.29
N GLN D 238 11.47 27.84 4.10
CA GLN D 238 12.33 26.83 4.68
C GLN D 238 13.67 26.80 3.95
N LEU D 239 13.63 26.74 2.61
CA LEU D 239 14.82 26.60 1.76
C LEU D 239 15.91 27.63 2.04
N ARG D 240 15.48 28.79 2.56
CA ARG D 240 16.37 29.91 2.87
C ARG D 240 17.28 29.62 4.08
N LYS D 241 16.94 28.62 4.88
CA LYS D 241 17.70 28.31 6.10
C LYS D 241 18.45 26.98 6.06
N ILE D 242 18.54 26.38 4.87
CA ILE D 242 19.50 25.32 4.56
C ILE D 242 20.52 25.91 3.60
N SER D 243 21.80 25.86 3.98
CA SER D 243 22.83 26.65 3.30
C SER D 243 23.12 26.20 1.88
N ARG D 244 22.88 24.93 1.57
CA ARG D 244 23.26 24.45 0.25
C ARG D 244 22.20 24.81 -0.81
N TYR D 245 20.92 24.72 -0.46
CA TYR D 245 19.86 25.25 -1.32
C TYR D 245 19.93 26.76 -1.34
N SER D 246 20.20 27.35 -0.17
CA SER D 246 20.21 28.80 0.00
C SER D 246 21.35 29.54 -0.71
N GLU D 247 22.41 28.82 -1.08
CA GLU D 247 23.61 29.39 -1.70
C GLU D 247 23.71 29.21 -3.23
N LYS D 248 22.66 28.68 -3.85
CA LYS D 248 22.63 28.55 -5.31
C LYS D 248 21.24 28.84 -5.95
N ILE D 249 20.25 29.19 -5.11
CA ILE D 249 18.88 29.48 -5.61
C ILE D 249 18.33 30.84 -5.15
N GLN D 250 17.63 31.54 -6.04
CA GLN D 250 17.04 32.82 -5.66
C GLN D 250 15.69 32.57 -5.01
N LEU D 251 15.58 32.95 -3.73
CA LEU D 251 14.42 32.61 -2.91
C LEU D 251 13.71 33.87 -2.38
N PRO D 252 12.86 34.51 -3.22
CA PRO D 252 12.06 35.68 -2.81
C PRO D 252 10.66 35.29 -2.32
N SER D 253 10.00 36.20 -1.60
CA SER D 253 8.62 35.96 -1.19
C SER D 253 7.63 36.80 -2.00
N ASN D 254 7.93 36.93 -3.29
CA ASN D 254 7.07 37.60 -4.26
C ASN D 254 5.69 36.92 -4.36
N TYR D 255 5.75 35.60 -4.21
CA TYR D 255 4.70 34.66 -4.61
C TYR D 255 3.34 34.87 -3.90
#